data_7BWP
#
_entry.id   7BWP
#
_cell.length_a   49.544
_cell.length_b   91.095
_cell.length_c   130.192
_cell.angle_alpha   90.000
_cell.angle_beta   90.000
_cell.angle_gamma   90.000
#
_symmetry.space_group_name_H-M   'P 21 21 21'
#
loop_
_entity.id
_entity.type
_entity.pdbx_description
1 polymer 'PREDICTED: (R)-mandelonitrile lyase'
2 non-polymer (2R)-hydroxy(phenyl)ethanenitrile
3 non-polymer 2-acetamido-2-deoxy-beta-D-glucopyranose
4 non-polymer 'FLAVIN-ADENINE DINUCLEOTIDE'
5 non-polymer 'PHOSPHATE ION'
6 non-polymer DI(HYDROXYETHYL)ETHER
7 water water
#
_entity_poly.entity_id   1
_entity_poly.type   'polypeptide(L)'
_entity_poly.pdbx_seq_one_letter_code
;EAEAHHHHHHLANTSAHDFSYLKFVYNATDTSLEGSYDYIVIGGGTSGCPLAATLSEKYKVLLLERGTIATEYPNTLTAD
GFAYNLQQQDDGKTPVERFVSEDGIDNVRARILGGTTIINAGVYARANISFYSQTGIEWDLDLVNKTYEWVEDAIVVKPN
NQSWQSVIGEGFLEAGILPDNGFSLDHEAGTRLTGSTFDNNGTRHAADELLNKGDPNNLLVAVQASVEKILFSSNTSNLS
AIGVIYTDSDGNSHQAFVRGNGEVIVSAGTIGTPQLLLLSGVGPESYLSSLNITVVQPNPYVGQFVYDNPRNFINILPPN
PIEASVVTVLGIRSDYYQVSLSSLPFSTPPFSLFPTTSYPLPNSTFAHIVSQVPGPLSHGSVTLNSSSDVRIAPNIKFNY
YSNSTDLANCVSGMKKLGDLLRTKALEPYKARDVLGIDGFNYLGVPLPENQTDDASFETFCLDNVASYWHYHGGSLVGKV
LDDSFRVMGIKALRVVDASTFPYEPNSHPQGFYLMLGRYVGLQILQERSIRLEAIHNIQESM
;
_entity_poly.pdbx_strand_id   A
#
# COMPACT_ATOMS: atom_id res chain seq x y z
N HIS A 8 -1.89 -12.94 -18.60
CA HIS A 8 -2.42 -13.56 -19.81
C HIS A 8 -1.98 -15.01 -19.82
N HIS A 9 -2.87 -15.90 -20.29
CA HIS A 9 -2.73 -17.34 -20.09
C HIS A 9 -2.71 -17.67 -18.60
N HIS A 10 -1.77 -17.07 -17.86
CA HIS A 10 -1.49 -17.48 -16.50
C HIS A 10 -2.40 -16.83 -15.46
N LEU A 11 -3.17 -15.79 -15.82
CA LEU A 11 -3.90 -15.04 -14.81
C LEU A 11 -4.89 -15.92 -14.06
N ALA A 12 -5.22 -15.49 -12.84
CA ALA A 12 -6.13 -16.23 -11.98
C ALA A 12 -7.53 -16.27 -12.57
N ASN A 13 -8.32 -17.23 -12.11
CA ASN A 13 -9.72 -17.36 -12.49
C ASN A 13 -10.61 -16.85 -11.36
N THR A 14 -11.87 -16.62 -11.70
CA THR A 14 -12.84 -16.27 -10.67
C THR A 14 -13.02 -17.46 -9.73
N SER A 15 -13.01 -17.19 -8.43
CA SER A 15 -12.98 -18.26 -7.43
C SER A 15 -13.16 -17.64 -6.05
N ALA A 16 -13.64 -18.46 -5.11
CA ALA A 16 -13.80 -17.99 -3.75
C ALA A 16 -12.43 -17.67 -3.14
N HIS A 17 -12.44 -16.82 -2.12
CA HIS A 17 -11.21 -16.53 -1.40
C HIS A 17 -10.73 -17.78 -0.68
N ASP A 18 -9.47 -18.17 -0.95
CA ASP A 18 -8.91 -19.44 -0.48
C ASP A 18 -8.31 -19.26 0.91
N PHE A 19 -9.03 -19.73 1.94
CA PHE A 19 -8.56 -19.71 3.32
C PHE A 19 -7.97 -21.05 3.77
N SER A 20 -7.45 -21.85 2.85
CA SER A 20 -6.92 -23.16 3.24
C SER A 20 -5.80 -23.01 4.25
N TYR A 21 -5.02 -21.93 4.14
CA TYR A 21 -3.89 -21.68 5.02
C TYR A 21 -4.27 -21.55 6.49
N LEU A 22 -5.56 -21.38 6.80
CA LEU A 22 -5.95 -21.24 8.21
C LEU A 22 -5.63 -22.50 9.00
N LYS A 23 -5.37 -23.62 8.31
CA LYS A 23 -4.94 -24.83 8.98
C LYS A 23 -3.62 -24.66 9.73
N PHE A 24 -2.80 -23.65 9.40
CA PHE A 24 -1.60 -23.39 10.20
C PHE A 24 -1.55 -21.97 10.75
N VAL A 25 -2.72 -21.37 11.01
CA VAL A 25 -2.81 -20.07 11.67
C VAL A 25 -3.27 -20.29 13.11
N TYR A 26 -2.53 -19.71 14.05
CA TYR A 26 -2.78 -19.91 15.47
C TYR A 26 -2.88 -18.57 16.18
N ASN A 27 -3.68 -18.54 17.25
CA ASN A 27 -3.70 -17.41 18.18
C ASN A 27 -2.33 -17.25 18.85
N ALA A 28 -1.81 -16.01 18.89
CA ALA A 28 -0.55 -15.76 19.57
C ALA A 28 -0.58 -16.08 21.07
N THR A 29 -1.75 -16.34 21.64
CA THR A 29 -1.79 -16.79 23.03
C THR A 29 -1.19 -18.18 23.23
N ASP A 30 -0.97 -18.92 22.16
CA ASP A 30 -0.46 -20.30 22.24
C ASP A 30 1.05 -20.28 22.47
N THR A 31 1.48 -20.60 23.71
CA THR A 31 2.89 -20.53 24.06
C THR A 31 3.73 -21.58 23.34
N SER A 32 3.11 -22.62 22.79
CA SER A 32 3.91 -23.61 22.07
C SER A 32 4.50 -23.06 20.77
N LEU A 33 4.03 -21.89 20.31
CA LEU A 33 4.67 -21.22 19.18
C LEU A 33 6.03 -20.64 19.55
N GLU A 34 6.29 -20.42 20.84
CA GLU A 34 7.56 -19.87 21.25
C GLU A 34 8.66 -20.92 21.08
N GLY A 35 9.80 -20.47 20.59
CA GLY A 35 10.89 -21.38 20.31
C GLY A 35 11.74 -20.82 19.18
N SER A 36 12.47 -21.72 18.53
CA SER A 36 13.44 -21.33 17.52
C SER A 36 12.97 -21.75 16.13
N TYR A 37 13.16 -20.85 15.17
CA TYR A 37 12.77 -21.00 13.79
C TYR A 37 13.97 -20.69 12.91
N ASP A 38 13.86 -21.04 11.63
CA ASP A 38 14.88 -20.57 10.71
C ASP A 38 14.66 -19.11 10.34
N TYR A 39 13.41 -18.71 10.15
CA TYR A 39 13.12 -17.32 9.82
C TYR A 39 11.91 -16.86 10.62
N ILE A 40 11.96 -15.60 11.05
CA ILE A 40 10.81 -14.92 11.62
C ILE A 40 10.51 -13.74 10.74
N VAL A 41 9.27 -13.65 10.26
CA VAL A 41 8.80 -12.53 9.44
C VAL A 41 7.80 -11.72 10.26
N ILE A 42 8.05 -10.42 10.37
CA ILE A 42 7.25 -9.53 11.22
C ILE A 42 6.30 -8.74 10.32
N GLY A 43 5.01 -9.04 10.41
CA GLY A 43 4.01 -8.37 9.60
C GLY A 43 3.54 -9.26 8.45
N GLY A 44 2.31 -9.75 8.55
CA GLY A 44 1.76 -10.63 7.54
C GLY A 44 1.00 -9.83 6.49
N GLY A 45 1.72 -8.97 5.78
CA GLY A 45 1.06 -8.10 4.83
C GLY A 45 1.47 -8.38 3.40
N THR A 46 1.49 -7.30 2.61
CA THR A 46 1.69 -7.41 1.17
C THR A 46 3.01 -8.11 0.82
N SER A 47 4.11 -7.65 1.41
CA SER A 47 5.39 -8.33 1.18
C SER A 47 5.57 -9.51 2.12
N GLY A 48 5.06 -9.39 3.35
CA GLY A 48 5.37 -10.37 4.37
C GLY A 48 4.81 -11.75 4.07
N CYS A 49 3.57 -11.81 3.56
CA CYS A 49 2.96 -13.11 3.28
C CYS A 49 3.69 -13.89 2.19
N PRO A 50 3.94 -13.32 1.00
CA PRO A 50 4.70 -14.12 0.01
C PRO A 50 6.14 -14.37 0.43
N LEU A 51 6.74 -13.48 1.22
CA LEU A 51 8.07 -13.77 1.75
C LEU A 51 8.05 -15.00 2.64
N ALA A 52 7.11 -15.05 3.60
CA ALA A 52 7.06 -16.18 4.52
C ALA A 52 6.72 -17.47 3.77
N ALA A 53 5.78 -17.41 2.84
CA ALA A 53 5.44 -18.61 2.06
C ALA A 53 6.65 -19.11 1.28
N THR A 54 7.39 -18.20 0.65
CA THR A 54 8.56 -18.57 -0.13
C THR A 54 9.63 -19.20 0.75
N LEU A 55 9.92 -18.59 1.90
CA LEU A 55 10.96 -19.15 2.77
C LEU A 55 10.57 -20.53 3.29
N SER A 56 9.27 -20.77 3.47
CA SER A 56 8.81 -22.03 4.03
C SER A 56 8.98 -23.21 3.08
N GLU A 57 9.33 -22.96 1.82
CA GLU A 57 9.55 -24.08 0.90
C GLU A 57 10.71 -24.95 1.37
N LYS A 58 11.68 -24.36 2.08
CA LYS A 58 12.84 -25.10 2.57
C LYS A 58 13.09 -24.98 4.06
N TYR A 59 12.50 -24.00 4.75
CA TYR A 59 12.91 -23.70 6.12
C TYR A 59 11.70 -23.49 7.02
N LYS A 60 11.94 -23.57 8.34
CA LYS A 60 10.88 -23.38 9.31
C LYS A 60 10.67 -21.90 9.55
N VAL A 61 9.44 -21.43 9.32
CA VAL A 61 9.14 -20.00 9.31
C VAL A 61 8.03 -19.69 10.30
N LEU A 62 8.20 -18.60 11.06
CA LEU A 62 7.15 -18.05 11.89
C LEU A 62 6.79 -16.68 11.34
N LEU A 63 5.53 -16.51 10.96
CA LEU A 63 4.99 -15.22 10.53
C LEU A 63 4.14 -14.64 11.66
N LEU A 64 4.46 -13.42 12.09
CA LEU A 64 3.77 -12.76 13.20
C LEU A 64 2.98 -11.58 12.67
N GLU A 65 1.68 -11.56 12.92
CA GLU A 65 0.79 -10.50 12.44
C GLU A 65 -0.03 -9.94 13.59
N ARG A 66 -0.07 -8.61 13.72
CA ARG A 66 -0.76 -8.00 14.86
C ARG A 66 -2.27 -8.05 14.70
N GLY A 67 -2.80 -8.06 13.46
CA GLY A 67 -4.23 -8.13 13.25
C GLY A 67 -4.75 -9.56 13.32
N THR A 68 -6.06 -9.71 13.17
CA THR A 68 -6.69 -11.02 13.16
C THR A 68 -6.87 -11.50 11.70
N ILE A 69 -7.72 -12.53 11.50
CA ILE A 69 -7.91 -13.13 10.18
C ILE A 69 -9.10 -12.48 9.50
N ALA A 70 -9.04 -12.40 8.17
CA ALA A 70 -10.01 -11.61 7.42
C ALA A 70 -11.42 -12.15 7.51
N THR A 71 -11.58 -13.44 7.85
CA THR A 71 -12.93 -13.99 8.00
C THR A 71 -13.69 -13.30 9.12
N GLU A 72 -12.99 -12.64 10.05
CA GLU A 72 -13.66 -11.92 11.11
C GLU A 72 -14.35 -10.66 10.62
N TYR A 73 -13.98 -10.18 9.44
CA TYR A 73 -14.49 -8.93 8.87
C TYR A 73 -14.86 -9.20 7.42
N PRO A 74 -16.03 -9.80 7.19
CA PRO A 74 -16.36 -10.29 5.85
C PRO A 74 -16.43 -9.19 4.79
N ASN A 75 -16.64 -7.94 5.16
CA ASN A 75 -16.70 -6.89 4.15
C ASN A 75 -15.33 -6.56 3.58
N THR A 76 -14.25 -7.13 4.13
CA THR A 76 -12.97 -7.08 3.46
C THR A 76 -12.86 -8.03 2.28
N LEU A 77 -13.85 -8.90 2.05
CA LEU A 77 -13.69 -9.97 1.08
C LEU A 77 -14.46 -9.74 -0.22
N THR A 78 -15.09 -8.57 -0.40
CA THR A 78 -15.83 -8.27 -1.61
C THR A 78 -15.50 -6.86 -2.09
N ALA A 79 -15.60 -6.66 -3.41
CA ALA A 79 -15.49 -5.32 -3.96
C ALA A 79 -16.53 -4.39 -3.36
N ASP A 80 -17.74 -4.91 -3.10
CA ASP A 80 -18.82 -4.10 -2.57
C ASP A 80 -18.52 -3.54 -1.19
N GLY A 81 -17.64 -4.19 -0.44
CA GLY A 81 -17.34 -3.81 0.92
C GLY A 81 -16.20 -2.82 1.08
N PHE A 82 -15.62 -2.32 -0.02
CA PHE A 82 -14.47 -1.42 0.09
C PHE A 82 -14.76 -0.23 0.99
N ALA A 83 -15.84 0.51 0.72
CA ALA A 83 -16.15 1.68 1.51
C ALA A 83 -16.46 1.32 2.96
N TYR A 84 -17.14 0.19 3.16
CA TYR A 84 -17.57 -0.22 4.50
C TYR A 84 -16.40 -0.26 5.48
N ASN A 85 -15.29 -0.86 5.08
CA ASN A 85 -14.18 -1.00 6.02
C ASN A 85 -13.60 0.34 6.39
N LEU A 86 -13.66 1.33 5.48
CA LEU A 86 -13.21 2.67 5.81
C LEU A 86 -14.24 3.45 6.62
N GLN A 87 -15.54 3.12 6.45
CA GLN A 87 -16.59 3.77 7.22
C GLN A 87 -16.63 3.27 8.66
N GLN A 88 -16.17 2.05 8.89
CA GLN A 88 -16.22 1.43 10.19
C GLN A 88 -15.30 2.14 11.18
N GLN A 89 -15.81 2.39 12.38
CA GLN A 89 -15.01 3.05 13.41
C GLN A 89 -13.84 2.16 13.83
N ASP A 90 -12.71 2.79 14.11
CA ASP A 90 -11.49 2.07 14.51
C ASP A 90 -11.56 1.80 16.01
N ASP A 91 -11.81 0.54 16.39
CA ASP A 91 -11.88 0.16 17.79
C ASP A 91 -10.59 -0.53 18.27
N GLY A 92 -9.51 -0.45 17.50
CA GLY A 92 -8.26 -1.11 17.84
C GLY A 92 -8.11 -2.52 17.32
N LYS A 93 -9.20 -3.15 16.86
CA LYS A 93 -9.20 -4.52 16.37
C LYS A 93 -9.61 -4.63 14.91
N THR A 94 -10.19 -3.56 14.35
CA THR A 94 -10.71 -3.58 13.01
C THR A 94 -9.58 -3.66 11.98
N PRO A 95 -9.89 -4.11 10.75
CA PRO A 95 -8.83 -4.25 9.74
C PRO A 95 -8.31 -2.91 9.24
N VAL A 96 -9.03 -1.82 9.45
CA VAL A 96 -8.56 -0.49 9.09
C VAL A 96 -8.16 0.25 10.35
N GLU A 97 -6.90 0.67 10.41
CA GLU A 97 -6.43 1.54 11.49
C GLU A 97 -6.39 2.97 10.97
N ARG A 98 -7.08 3.88 11.66
CA ARG A 98 -7.14 5.27 11.23
C ARG A 98 -5.97 6.06 11.79
N PHE A 99 -5.47 7.01 11.01
CA PHE A 99 -4.49 7.95 11.57
C PHE A 99 -4.60 9.27 10.83
N VAL A 100 -4.02 10.31 11.42
CA VAL A 100 -3.96 11.63 10.80
C VAL A 100 -2.50 12.07 10.79
N SER A 101 -1.97 12.39 9.61
CA SER A 101 -0.59 12.85 9.56
C SER A 101 -0.48 14.20 10.25
N GLU A 102 0.74 14.57 10.64
CA GLU A 102 0.93 15.88 11.26
C GLU A 102 0.61 17.02 10.29
N ASP A 103 0.53 16.72 9.00
CA ASP A 103 0.04 17.69 8.02
C ASP A 103 -1.44 17.98 8.16
N GLY A 104 -2.17 17.14 8.90
CA GLY A 104 -3.61 17.29 9.00
C GLY A 104 -4.43 16.50 8.01
N ILE A 105 -3.86 15.47 7.37
CA ILE A 105 -4.54 14.74 6.30
C ILE A 105 -4.90 13.36 6.85
N ASP A 106 -6.20 13.03 6.80
CA ASP A 106 -6.67 11.74 7.29
C ASP A 106 -6.10 10.61 6.44
N ASN A 107 -5.88 9.46 7.07
CA ASN A 107 -5.20 8.36 6.39
C ASN A 107 -5.54 7.07 7.12
N VAL A 108 -5.17 5.94 6.50
CA VAL A 108 -5.41 4.62 7.09
C VAL A 108 -4.26 3.68 6.76
N ARG A 109 -4.10 2.65 7.58
CA ARG A 109 -3.23 1.53 7.29
C ARG A 109 -3.92 0.25 7.74
N ALA A 110 -3.44 -0.88 7.24
CA ALA A 110 -4.13 -2.13 7.52
C ALA A 110 -3.68 -2.73 8.85
N ARG A 111 -4.57 -3.53 9.45
CA ARG A 111 -4.31 -4.25 10.69
C ARG A 111 -5.03 -5.59 10.57
N ILE A 112 -4.46 -6.51 9.77
CA ILE A 112 -5.17 -7.73 9.39
C ILE A 112 -4.19 -8.65 8.65
N LEU A 113 -4.40 -9.97 8.74
CA LEU A 113 -3.56 -10.91 8.01
C LEU A 113 -3.86 -10.82 6.52
N GLY A 114 -2.84 -10.52 5.73
CA GLY A 114 -2.99 -10.05 4.36
C GLY A 114 -2.58 -8.60 4.18
N GLY A 115 -2.52 -7.85 5.28
CA GLY A 115 -2.09 -6.46 5.23
C GLY A 115 -3.00 -5.62 4.37
N THR A 116 -2.38 -4.65 3.68
CA THR A 116 -3.19 -3.65 3.00
C THR A 116 -3.87 -4.22 1.74
N THR A 117 -3.42 -5.38 1.25
CA THR A 117 -4.15 -6.00 0.13
C THR A 117 -5.55 -6.44 0.54
N ILE A 118 -5.85 -6.49 1.84
CA ILE A 118 -7.19 -6.88 2.30
C ILE A 118 -8.15 -5.69 2.37
N ILE A 119 -7.65 -4.46 2.33
CA ILE A 119 -8.51 -3.28 2.44
C ILE A 119 -8.39 -2.33 1.25
N ASN A 120 -7.60 -2.66 0.24
CA ASN A 120 -7.22 -1.63 -0.73
C ASN A 120 -8.20 -1.61 -1.91
N ALA A 121 -7.88 -0.80 -2.92
CA ALA A 121 -8.79 -0.60 -4.05
C ALA A 121 -8.59 -1.62 -5.16
N GLY A 122 -7.70 -2.60 -4.99
CA GLY A 122 -7.61 -3.75 -5.86
C GLY A 122 -6.83 -3.56 -7.15
N VAL A 123 -6.33 -2.37 -7.43
CA VAL A 123 -5.68 -2.13 -8.72
C VAL A 123 -4.34 -2.85 -8.75
N TYR A 124 -4.10 -3.60 -9.83
CA TYR A 124 -2.87 -4.37 -9.97
C TYR A 124 -2.09 -3.91 -11.19
N ALA A 125 -0.81 -3.58 -10.97
CA ALA A 125 0.09 -3.22 -12.05
C ALA A 125 1.49 -3.71 -11.71
N ARG A 126 2.27 -4.02 -12.73
CA ARG A 126 3.70 -4.27 -12.55
C ARG A 126 4.46 -2.95 -12.50
N ALA A 127 5.68 -3.00 -11.97
CA ALA A 127 6.51 -1.80 -11.89
C ALA A 127 6.90 -1.32 -13.28
N ASN A 128 6.94 0.00 -13.44
CA ASN A 128 7.58 0.65 -14.58
C ASN A 128 8.92 -0.02 -14.87
N ILE A 129 9.11 -0.53 -16.09
CA ILE A 129 10.29 -1.39 -16.32
C ILE A 129 11.60 -0.63 -16.19
N SER A 130 11.56 0.71 -16.21
CA SER A 130 12.75 1.53 -15.97
C SER A 130 13.12 1.62 -14.50
N PHE A 131 12.20 1.23 -13.60
CA PHE A 131 12.45 1.34 -12.16
C PHE A 131 13.71 0.59 -11.74
N TYR A 132 13.90 -0.62 -12.28
CA TYR A 132 14.97 -1.48 -11.80
C TYR A 132 16.33 -0.84 -12.02
N SER A 133 16.56 -0.32 -13.24
CA SER A 133 17.85 0.31 -13.48
C SER A 133 17.97 1.62 -12.70
N GLN A 134 16.86 2.33 -12.47
CA GLN A 134 16.91 3.55 -11.67
C GLN A 134 17.45 3.27 -10.27
N THR A 135 17.07 2.13 -9.68
CA THR A 135 17.51 1.85 -8.31
C THR A 135 19.00 1.54 -8.24
N GLY A 136 19.58 1.04 -9.32
CA GLY A 136 20.95 0.57 -9.28
C GLY A 136 21.15 -0.77 -8.60
N ILE A 137 20.09 -1.38 -8.06
CA ILE A 137 20.18 -2.73 -7.55
C ILE A 137 20.42 -3.70 -8.70
N GLU A 138 21.23 -4.73 -8.45
CA GLU A 138 21.48 -5.76 -9.46
C GLU A 138 20.35 -6.79 -9.42
N TRP A 139 19.23 -6.42 -10.03
CA TRP A 139 18.07 -7.30 -10.09
C TRP A 139 18.28 -8.45 -11.06
N ASP A 140 17.78 -9.63 -10.68
CA ASP A 140 17.65 -10.78 -11.58
C ASP A 140 16.31 -10.58 -12.29
N LEU A 141 16.36 -9.91 -13.44
CA LEU A 141 15.14 -9.43 -14.06
C LEU A 141 14.26 -10.58 -14.57
N ASP A 142 14.88 -11.66 -15.05
CA ASP A 142 14.07 -12.81 -15.43
C ASP A 142 13.30 -13.36 -14.23
N LEU A 143 13.97 -13.41 -13.07
CA LEU A 143 13.31 -13.92 -11.87
C LEU A 143 12.20 -12.97 -11.41
N VAL A 144 12.44 -11.65 -11.50
CA VAL A 144 11.38 -10.68 -11.22
C VAL A 144 10.13 -11.02 -12.01
N ASN A 145 10.30 -11.28 -13.30
CA ASN A 145 9.13 -11.53 -14.16
C ASN A 145 8.48 -12.86 -13.84
N LYS A 146 9.28 -13.91 -13.58
CA LYS A 146 8.70 -15.17 -13.14
C LYS A 146 7.90 -15.00 -11.85
N THR A 147 8.37 -14.10 -10.98
CA THR A 147 7.71 -13.90 -9.70
C THR A 147 6.41 -13.11 -9.85
N TYR A 148 6.38 -12.10 -10.73
CA TYR A 148 5.10 -11.46 -11.07
C TYR A 148 4.07 -12.49 -11.53
N GLU A 149 4.50 -13.45 -12.36
CA GLU A 149 3.58 -14.47 -12.86
C GLU A 149 3.10 -15.38 -11.74
N TRP A 150 3.97 -15.68 -10.78
CA TRP A 150 3.58 -16.47 -9.62
C TRP A 150 2.46 -15.78 -8.84
N VAL A 151 2.61 -14.47 -8.60
CA VAL A 151 1.56 -13.72 -7.93
C VAL A 151 0.30 -13.67 -8.78
N GLU A 152 0.46 -13.35 -10.05
CA GLU A 152 -0.70 -13.09 -10.91
C GLU A 152 -1.53 -14.35 -11.14
N ASP A 153 -0.85 -15.50 -11.25
CA ASP A 153 -1.54 -16.79 -11.36
C ASP A 153 -2.47 -17.04 -10.18
N ALA A 154 -2.14 -16.47 -9.02
CA ALA A 154 -2.92 -16.74 -7.81
C ALA A 154 -4.05 -15.74 -7.58
N ILE A 155 -3.84 -14.45 -7.83
CA ILE A 155 -4.80 -13.48 -7.31
C ILE A 155 -5.19 -12.34 -8.27
N VAL A 156 -4.71 -12.35 -9.51
CA VAL A 156 -4.95 -11.25 -10.45
C VAL A 156 -5.83 -11.74 -11.60
N VAL A 157 -6.88 -10.96 -11.94
CA VAL A 157 -7.70 -11.25 -13.10
C VAL A 157 -7.68 -10.10 -14.10
N LYS A 158 -8.07 -10.42 -15.33
CA LYS A 158 -8.46 -9.40 -16.29
C LYS A 158 -9.87 -8.94 -15.96
N PRO A 159 -10.09 -7.66 -15.65
CA PRO A 159 -11.41 -7.22 -15.23
C PRO A 159 -12.40 -7.26 -16.38
N ASN A 160 -13.65 -7.55 -16.06
CA ASN A 160 -14.70 -7.36 -17.05
C ASN A 160 -15.00 -5.88 -17.25
N ASN A 161 -15.73 -5.59 -18.32
CA ASN A 161 -16.12 -4.22 -18.62
C ASN A 161 -16.95 -3.65 -17.48
N GLN A 162 -16.69 -2.39 -17.15
CA GLN A 162 -17.55 -1.62 -16.25
C GLN A 162 -17.86 -0.31 -16.96
N SER A 163 -19.14 0.09 -16.95
CA SER A 163 -19.54 1.21 -17.80
C SER A 163 -18.78 2.49 -17.47
N TRP A 164 -18.60 2.81 -16.18
CA TRP A 164 -17.93 4.07 -15.84
C TRP A 164 -16.44 4.03 -16.17
N GLN A 165 -15.79 2.88 -15.94
CA GLN A 165 -14.38 2.77 -16.31
C GLN A 165 -14.19 2.97 -17.81
N SER A 166 -15.12 2.44 -18.60
CA SER A 166 -15.01 2.60 -20.05
C SER A 166 -15.24 4.05 -20.46
N VAL A 167 -16.18 4.75 -19.81
CA VAL A 167 -16.35 6.18 -20.05
C VAL A 167 -15.04 6.91 -19.75
N ILE A 168 -14.46 6.65 -18.59
CA ILE A 168 -13.26 7.37 -18.19
C ILE A 168 -12.12 7.06 -19.14
N GLY A 169 -12.03 5.82 -19.60
CA GLY A 169 -10.98 5.47 -20.56
C GLY A 169 -11.13 6.17 -21.88
N GLU A 170 -12.36 6.26 -22.39
CA GLU A 170 -12.59 7.04 -23.60
C GLU A 170 -12.24 8.50 -23.39
N GLY A 171 -12.52 9.01 -22.19
CA GLY A 171 -12.19 10.40 -21.90
C GLY A 171 -10.69 10.64 -21.81
N PHE A 172 -9.96 9.75 -21.13
CA PHE A 172 -8.50 9.86 -21.10
C PHE A 172 -7.93 9.94 -22.51
N LEU A 173 -8.38 9.05 -23.39
CA LEU A 173 -7.86 9.01 -24.75
C LEU A 173 -8.23 10.27 -25.51
N GLU A 174 -9.49 10.69 -25.42
CA GLU A 174 -9.92 11.92 -26.06
C GLU A 174 -9.18 13.14 -25.50
N ALA A 175 -8.79 13.09 -24.23
CA ALA A 175 -8.05 14.21 -23.63
C ALA A 175 -6.58 14.15 -23.95
N GLY A 176 -6.13 13.17 -24.73
CA GLY A 176 -4.77 13.11 -25.23
C GLY A 176 -3.83 12.23 -24.45
N ILE A 177 -4.32 11.39 -23.56
CA ILE A 177 -3.45 10.48 -22.79
C ILE A 177 -3.29 9.23 -23.65
N LEU A 178 -2.33 9.28 -24.55
CA LEU A 178 -2.13 8.31 -25.60
C LEU A 178 -0.81 7.58 -25.39
N PRO A 179 -0.66 6.37 -25.97
CA PRO A 179 -1.58 5.66 -26.85
C PRO A 179 -2.62 4.83 -26.09
N ASP A 180 -3.52 4.19 -26.84
CA ASP A 180 -4.43 3.20 -26.29
C ASP A 180 -3.67 1.90 -26.11
N ASN A 181 -3.39 1.52 -24.85
CA ASN A 181 -2.64 0.30 -24.58
C ASN A 181 -3.52 -0.93 -24.40
N GLY A 182 -4.83 -0.79 -24.55
CA GLY A 182 -5.71 -1.95 -24.40
C GLY A 182 -5.64 -2.49 -22.98
N PHE A 183 -5.63 -3.83 -22.86
CA PHE A 183 -5.46 -4.47 -21.56
C PHE A 183 -3.99 -4.81 -21.38
N SER A 184 -3.38 -4.28 -20.32
CA SER A 184 -1.97 -4.49 -20.06
C SER A 184 -1.72 -4.30 -18.57
N LEU A 185 -0.85 -5.13 -18.00
CA LEU A 185 -0.47 -4.99 -16.60
C LEU A 185 0.68 -4.00 -16.42
N ASP A 186 1.23 -3.47 -17.50
CA ASP A 186 2.47 -2.71 -17.44
C ASP A 186 2.21 -1.23 -17.24
N HIS A 187 3.02 -0.61 -16.38
CA HIS A 187 3.01 0.83 -16.16
C HIS A 187 3.73 1.50 -17.32
N GLU A 188 2.95 1.97 -18.30
CA GLU A 188 3.44 2.62 -19.50
C GLU A 188 2.58 3.84 -19.77
N ALA A 189 3.17 4.85 -20.42
CA ALA A 189 2.40 6.02 -20.81
C ALA A 189 1.21 5.61 -21.67
N GLY A 190 0.09 6.27 -21.44
CA GLY A 190 -1.12 6.04 -22.22
C GLY A 190 -2.25 5.54 -21.34
N THR A 191 -3.32 5.12 -22.00
CA THR A 191 -4.54 4.67 -21.34
C THR A 191 -4.68 3.17 -21.48
N ARG A 192 -5.05 2.50 -20.39
CA ARG A 192 -5.15 1.05 -20.44
C ARG A 192 -6.14 0.55 -19.40
N LEU A 193 -6.62 -0.68 -19.65
CA LEU A 193 -7.25 -1.49 -18.62
C LEU A 193 -6.14 -2.29 -17.95
N THR A 194 -6.03 -2.22 -16.62
CA THR A 194 -5.00 -2.98 -15.94
C THR A 194 -5.64 -4.15 -15.19
N GLY A 195 -4.83 -4.94 -14.48
CA GLY A 195 -5.34 -6.05 -13.72
C GLY A 195 -6.02 -5.61 -12.42
N SER A 196 -6.73 -6.55 -11.79
CA SER A 196 -7.36 -6.26 -10.50
C SER A 196 -7.23 -7.48 -9.60
N THR A 197 -7.07 -7.24 -8.30
CA THR A 197 -7.17 -8.32 -7.32
C THR A 197 -8.59 -8.55 -6.83
N PHE A 198 -9.57 -7.84 -7.37
CA PHE A 198 -10.97 -8.26 -7.28
C PHE A 198 -11.26 -9.12 -8.50
N ASP A 199 -11.91 -10.26 -8.29
CA ASP A 199 -12.18 -11.09 -9.47
C ASP A 199 -13.50 -10.67 -10.12
N ASN A 200 -13.88 -11.35 -11.21
CA ASN A 200 -15.03 -10.89 -11.97
C ASN A 200 -16.36 -11.11 -11.26
N ASN A 201 -16.36 -11.82 -10.13
CA ASN A 201 -17.54 -11.93 -9.30
C ASN A 201 -17.51 -10.95 -8.12
N GLY A 202 -16.51 -10.07 -8.07
CA GLY A 202 -16.38 -9.14 -6.97
C GLY A 202 -15.68 -9.69 -5.75
N THR A 203 -15.18 -10.92 -5.79
CA THR A 203 -14.49 -11.51 -4.64
C THR A 203 -13.09 -10.93 -4.54
N ARG A 204 -12.73 -10.45 -3.36
CA ARG A 204 -11.39 -9.93 -3.19
C ARG A 204 -10.40 -11.07 -3.03
N HIS A 205 -9.29 -11.01 -3.76
CA HIS A 205 -8.16 -11.88 -3.56
C HIS A 205 -7.00 -11.05 -3.03
N ALA A 206 -6.09 -11.66 -2.28
CA ALA A 206 -5.19 -10.83 -1.50
C ALA A 206 -3.94 -11.61 -1.11
N ALA A 207 -3.02 -10.92 -0.41
CA ALA A 207 -1.71 -11.48 -0.11
C ALA A 207 -1.80 -12.69 0.82
N ASP A 208 -2.84 -12.74 1.66
CA ASP A 208 -2.99 -13.89 2.54
C ASP A 208 -3.13 -15.18 1.73
N GLU A 209 -3.72 -15.10 0.54
CA GLU A 209 -3.86 -16.31 -0.27
C GLU A 209 -2.53 -16.83 -0.76
N LEU A 210 -1.48 -16.00 -0.78
CA LEU A 210 -0.17 -16.50 -1.16
C LEU A 210 0.40 -17.43 -0.09
N LEU A 211 -0.13 -17.36 1.14
CA LEU A 211 0.27 -18.32 2.16
C LEU A 211 -0.08 -19.75 1.75
N ASN A 212 -1.09 -19.91 0.88
CA ASN A 212 -1.43 -21.25 0.40
C ASN A 212 -0.33 -21.88 -0.45
N LYS A 213 0.62 -21.07 -0.93
CA LYS A 213 1.77 -21.61 -1.66
C LYS A 213 2.91 -22.00 -0.73
N GLY A 214 2.79 -21.75 0.57
CA GLY A 214 3.82 -22.19 1.49
C GLY A 214 3.71 -23.67 1.80
N ASP A 215 4.75 -24.22 2.43
CA ASP A 215 4.76 -25.62 2.81
C ASP A 215 4.08 -25.74 4.17
N PRO A 216 2.91 -26.36 4.26
CA PRO A 216 2.19 -26.39 5.55
C PRO A 216 2.93 -27.14 6.66
N ASN A 217 3.98 -27.90 6.35
CA ASN A 217 4.79 -28.52 7.38
C ASN A 217 5.86 -27.60 7.95
N ASN A 218 6.13 -26.47 7.27
CA ASN A 218 7.20 -25.59 7.67
C ASN A 218 6.74 -24.19 8.08
N LEU A 219 5.52 -23.80 7.75
CA LEU A 219 5.06 -22.43 7.97
C LEU A 219 4.05 -22.41 9.11
N LEU A 220 4.30 -21.55 10.10
CA LEU A 220 3.36 -21.27 11.17
C LEU A 220 3.08 -19.78 11.19
N VAL A 221 1.81 -19.42 11.38
CA VAL A 221 1.36 -18.02 11.41
C VAL A 221 0.69 -17.78 12.75
N ALA A 222 1.13 -16.73 13.44
CA ALA A 222 0.50 -16.29 14.68
C ALA A 222 -0.21 -14.97 14.42
N VAL A 223 -1.51 -14.92 14.72
CA VAL A 223 -2.29 -13.69 14.56
C VAL A 223 -2.59 -13.09 15.92
N GLN A 224 -2.96 -11.81 15.90
CA GLN A 224 -2.98 -10.94 17.07
C GLN A 224 -1.68 -11.10 17.87
N ALA A 225 -0.57 -11.06 17.12
CA ALA A 225 0.79 -11.07 17.65
C ALA A 225 1.39 -9.69 17.43
N SER A 226 1.46 -8.91 18.49
CA SER A 226 1.98 -7.55 18.40
C SER A 226 3.47 -7.59 18.72
N VAL A 227 4.32 -7.48 17.70
CA VAL A 227 5.78 -7.57 17.90
C VAL A 227 6.26 -6.24 18.46
N GLU A 228 6.88 -6.29 19.64
CA GLU A 228 7.24 -5.10 20.43
C GLU A 228 8.72 -4.74 20.33
N LYS A 229 9.57 -5.72 20.08
CA LYS A 229 11.02 -5.50 20.13
C LYS A 229 11.70 -6.58 19.31
N ILE A 230 12.72 -6.18 18.57
CA ILE A 230 13.69 -7.11 17.98
C ILE A 230 14.81 -7.33 18.99
N LEU A 231 15.12 -8.60 19.25
CA LEU A 231 16.17 -8.98 20.20
C LEU A 231 17.50 -9.17 19.47
N PHE A 232 18.59 -8.75 20.10
CA PHE A 232 19.90 -8.82 19.48
C PHE A 232 20.89 -9.59 20.35
N SER A 233 21.91 -10.13 19.68
CA SER A 233 23.02 -10.84 20.35
C SER A 233 23.67 -9.97 21.40
N ASN A 238 30.06 -9.28 16.95
CA ASN A 238 29.23 -9.40 15.77
C ASN A 238 27.76 -9.15 16.10
N LEU A 239 27.28 -7.93 15.89
CA LEU A 239 25.90 -7.62 16.22
C LEU A 239 24.97 -8.35 15.27
N SER A 240 24.06 -9.15 15.84
CA SER A 240 23.11 -9.97 15.09
C SER A 240 21.73 -9.86 15.71
N ALA A 241 20.71 -9.86 14.87
CA ALA A 241 19.35 -10.08 15.37
C ALA A 241 19.19 -11.56 15.71
N ILE A 242 18.55 -11.83 16.84
CA ILE A 242 18.34 -13.21 17.26
C ILE A 242 16.89 -13.56 17.50
N GLY A 243 15.98 -12.60 17.61
CA GLY A 243 14.60 -12.95 17.86
C GLY A 243 13.74 -11.73 18.06
N VAL A 244 12.56 -11.96 18.63
CA VAL A 244 11.56 -10.93 18.88
C VAL A 244 10.86 -11.20 20.20
N ILE A 245 10.31 -10.12 20.77
CA ILE A 245 9.30 -10.18 21.81
C ILE A 245 7.98 -9.74 21.18
N TYR A 246 6.92 -10.51 21.41
CA TYR A 246 5.60 -10.13 20.94
C TYR A 246 4.59 -10.38 22.05
N THR A 247 3.51 -9.59 22.04
CA THR A 247 2.45 -9.79 23.02
C THR A 247 1.18 -10.25 22.32
N ASP A 248 0.35 -10.99 23.05
CA ASP A 248 -0.89 -11.52 22.52
C ASP A 248 -2.06 -10.61 22.90
N SER A 249 -3.27 -11.01 22.50
CA SER A 249 -4.46 -10.18 22.69
C SER A 249 -4.86 -10.05 24.15
N ASP A 250 -4.40 -10.94 25.01
CA ASP A 250 -4.62 -10.82 26.46
C ASP A 250 -3.57 -9.96 27.14
N GLY A 251 -2.51 -9.57 26.43
CA GLY A 251 -1.47 -8.75 27.01
C GLY A 251 -0.22 -9.50 27.42
N ASN A 252 -0.25 -10.84 27.42
CA ASN A 252 0.91 -11.61 27.85
C ASN A 252 2.00 -11.61 26.78
N SER A 253 3.25 -11.71 27.23
CA SER A 253 4.44 -11.62 26.39
C SER A 253 4.93 -13.00 25.97
N HIS A 254 5.62 -13.02 24.83
CA HIS A 254 6.14 -14.26 24.24
C HIS A 254 7.45 -13.94 23.53
N GLN A 255 8.32 -14.96 23.37
CA GLN A 255 9.58 -14.76 22.66
C GLN A 255 9.79 -15.87 21.65
N ALA A 256 10.34 -15.50 20.49
CA ALA A 256 10.69 -16.44 19.44
C ALA A 256 12.05 -16.06 18.88
N PHE A 257 12.81 -17.06 18.43
CA PHE A 257 14.19 -16.85 18.03
C PHE A 257 14.46 -17.47 16.68
N VAL A 258 15.49 -16.96 16.00
CA VAL A 258 16.03 -17.62 14.82
C VAL A 258 17.26 -18.40 15.25
N ARG A 259 17.67 -19.34 14.41
CA ARG A 259 18.75 -20.25 14.73
C ARG A 259 19.71 -20.33 13.55
N GLY A 260 20.95 -20.71 13.86
CA GLY A 260 21.93 -20.96 12.81
C GLY A 260 22.08 -19.79 11.88
N ASN A 261 21.94 -20.05 10.59
CA ASN A 261 22.11 -19.02 9.59
C ASN A 261 20.81 -18.34 9.21
N GLY A 262 19.79 -18.46 10.07
CA GLY A 262 18.51 -17.84 9.81
C GLY A 262 18.49 -16.35 10.06
N GLU A 263 17.33 -15.73 9.81
CA GLU A 263 17.22 -14.27 9.82
C GLU A 263 15.83 -13.83 10.27
N VAL A 264 15.78 -12.64 10.87
CA VAL A 264 14.54 -11.93 11.16
C VAL A 264 14.33 -10.93 10.01
N ILE A 265 13.11 -10.89 9.46
CA ILE A 265 12.78 -9.90 8.44
C ILE A 265 11.60 -9.06 8.92
N VAL A 266 11.76 -7.74 8.85
CA VAL A 266 10.70 -6.81 9.23
C VAL A 266 9.92 -6.45 7.97
N SER A 267 8.61 -6.70 7.99
CA SER A 267 7.69 -6.46 6.89
C SER A 267 6.46 -5.75 7.40
N ALA A 268 6.67 -4.84 8.36
CA ALA A 268 5.58 -4.20 9.11
C ALA A 268 5.09 -2.91 8.45
N GLY A 269 5.57 -2.60 7.26
CA GLY A 269 5.06 -1.49 6.48
C GLY A 269 5.82 -0.19 6.70
N THR A 270 5.47 0.80 5.88
CA THR A 270 6.08 2.13 5.97
C THR A 270 6.01 2.70 7.39
N ILE A 271 4.91 2.46 8.09
CA ILE A 271 4.77 2.99 9.45
C ILE A 271 5.34 2.00 10.48
N GLY A 272 5.02 0.72 10.34
CA GLY A 272 5.38 -0.23 11.38
C GLY A 272 6.83 -0.62 11.41
N THR A 273 7.50 -0.66 10.25
CA THR A 273 8.91 -1.06 10.26
C THR A 273 9.79 -0.02 10.93
N PRO A 274 9.75 1.27 10.56
CA PRO A 274 10.56 2.25 11.30
C PRO A 274 10.22 2.30 12.77
N GLN A 275 8.93 2.20 13.11
CA GLN A 275 8.56 2.21 14.53
C GLN A 275 9.27 1.10 15.28
N LEU A 276 9.23 -0.13 14.76
CA LEU A 276 9.81 -1.25 15.47
C LEU A 276 11.33 -1.13 15.53
N LEU A 277 11.95 -0.64 14.45
CA LEU A 277 13.40 -0.45 14.48
C LEU A 277 13.79 0.54 15.58
N LEU A 278 13.07 1.67 15.64
CA LEU A 278 13.37 2.68 16.66
C LEU A 278 13.16 2.14 18.06
N LEU A 279 12.03 1.46 18.28
CA LEU A 279 11.76 0.86 19.59
C LEU A 279 12.84 -0.13 19.99
N SER A 280 13.48 -0.76 19.01
CA SER A 280 14.51 -1.76 19.27
C SER A 280 15.91 -1.17 19.34
N GLY A 281 16.06 0.15 19.26
CA GLY A 281 17.36 0.77 19.37
C GLY A 281 18.14 0.88 18.09
N VAL A 282 17.49 0.76 16.94
CA VAL A 282 18.13 0.95 15.64
C VAL A 282 17.60 2.25 15.08
N GLY A 283 18.45 3.28 14.99
CA GLY A 283 17.95 4.57 14.62
C GLY A 283 18.93 5.67 14.98
N PRO A 284 18.51 6.92 14.80
CA PRO A 284 19.44 8.05 14.97
C PRO A 284 19.88 8.16 16.43
N GLU A 285 21.20 8.32 16.62
CA GLU A 285 21.79 8.19 17.95
C GLU A 285 21.30 9.27 18.89
N SER A 286 21.31 10.52 18.46
CA SER A 286 20.91 11.58 19.36
C SER A 286 19.41 11.52 19.66
N TYR A 287 18.60 11.14 18.68
CA TYR A 287 17.16 11.00 18.90
C TYR A 287 16.84 9.89 19.90
N LEU A 288 17.41 8.70 19.68
CA LEU A 288 17.14 7.59 20.59
C LEU A 288 17.69 7.89 21.99
N SER A 289 18.88 8.49 22.06
CA SER A 289 19.43 8.88 23.36
C SER A 289 18.53 9.91 24.05
N SER A 290 17.97 10.84 23.28
CA SER A 290 17.01 11.81 23.82
C SER A 290 15.83 11.12 24.49
N LEU A 291 15.48 9.91 24.06
CA LEU A 291 14.37 9.17 24.64
C LEU A 291 14.84 8.13 25.67
N ASN A 292 16.13 8.07 25.96
CA ASN A 292 16.71 7.05 26.83
C ASN A 292 16.43 5.65 26.31
N ILE A 293 16.37 5.50 24.99
CA ILE A 293 16.34 4.18 24.36
C ILE A 293 17.79 3.78 24.08
N THR A 294 18.20 2.61 24.58
CA THR A 294 19.57 2.17 24.38
C THR A 294 19.82 1.93 22.90
N VAL A 295 20.88 2.54 22.38
CA VAL A 295 21.21 2.43 20.97
C VAL A 295 21.94 1.12 20.74
N VAL A 296 21.37 0.28 19.88
CA VAL A 296 22.00 -0.96 19.45
C VAL A 296 22.82 -0.74 18.18
N GLN A 297 22.26 0.01 17.25
CA GLN A 297 22.88 0.32 15.97
C GLN A 297 22.49 1.73 15.56
N PRO A 298 23.43 2.68 15.63
CA PRO A 298 23.12 4.04 15.20
C PRO A 298 22.94 4.08 13.69
N ASN A 299 21.88 4.74 13.25
CA ASN A 299 21.68 5.02 11.83
C ASN A 299 20.79 6.24 11.74
N PRO A 300 21.26 7.32 11.11
CA PRO A 300 20.51 8.59 11.12
C PRO A 300 19.26 8.57 10.26
N TYR A 301 18.98 7.49 9.53
CA TYR A 301 17.94 7.51 8.51
C TYR A 301 16.73 6.65 8.82
N VAL A 302 16.69 5.96 9.96
CA VAL A 302 15.50 5.18 10.32
C VAL A 302 14.37 6.13 10.65
N GLY A 303 13.24 5.97 9.98
CA GLY A 303 12.15 6.90 10.12
C GLY A 303 12.29 8.16 9.31
N GLN A 304 13.37 8.30 8.55
CA GLN A 304 13.56 9.44 7.66
C GLN A 304 13.20 9.06 6.23
N PHE A 305 12.97 10.08 5.40
CA PHE A 305 12.60 9.91 4.00
C PHE A 305 11.33 9.06 3.88
N VAL A 306 10.28 9.58 4.49
CA VAL A 306 8.94 9.00 4.45
C VAL A 306 8.09 9.84 3.51
N TYR A 307 7.46 9.18 2.53
CA TYR A 307 6.82 9.85 1.39
C TYR A 307 5.33 9.49 1.33
N ASP A 308 4.50 10.43 0.88
CA ASP A 308 3.11 10.11 0.54
C ASP A 308 2.75 10.83 -0.74
N ASN A 309 2.57 10.07 -1.82
CA ASN A 309 2.18 10.69 -3.08
C ASN A 309 0.85 11.41 -2.93
N PRO A 310 0.76 12.68 -3.30
CA PRO A 310 -0.52 13.41 -3.16
C PRO A 310 -1.59 12.84 -4.07
N ARG A 311 -2.82 12.84 -3.55
CA ARG A 311 -4.03 12.65 -4.36
C ARG A 311 -4.78 13.97 -4.44
N ASN A 312 -5.09 14.41 -5.67
CA ASN A 312 -5.98 15.54 -5.86
C ASN A 312 -7.12 15.10 -6.77
N PHE A 313 -8.24 15.81 -6.68
CA PHE A 313 -9.46 15.21 -7.20
C PHE A 313 -10.55 16.27 -7.34
N ILE A 314 -11.53 15.96 -8.20
CA ILE A 314 -12.85 16.59 -8.15
C ILE A 314 -13.89 15.49 -8.12
N ASN A 315 -15.10 15.87 -7.71
CA ASN A 315 -16.22 14.95 -7.66
C ASN A 315 -17.36 15.53 -8.47
N ILE A 316 -17.87 14.77 -9.44
CA ILE A 316 -19.02 15.22 -10.21
C ILE A 316 -20.24 14.40 -9.83
N LEU A 317 -21.39 15.06 -9.83
CA LEU A 317 -22.68 14.46 -9.53
C LEU A 317 -23.52 14.44 -10.79
N PRO A 318 -23.55 13.33 -11.53
CA PRO A 318 -24.31 13.31 -12.78
C PRO A 318 -25.79 13.45 -12.51
N PRO A 319 -26.56 14.00 -13.45
CA PRO A 319 -28.01 14.14 -13.24
C PRO A 319 -28.76 12.82 -13.30
N ASN A 320 -28.20 11.80 -13.94
CA ASN A 320 -28.75 10.46 -13.91
C ASN A 320 -27.78 9.53 -13.22
N PRO A 321 -28.26 8.47 -12.56
CA PRO A 321 -27.35 7.60 -11.80
C PRO A 321 -26.30 6.96 -12.70
N ILE A 322 -25.07 6.86 -12.18
CA ILE A 322 -24.02 6.06 -12.79
C ILE A 322 -23.80 4.81 -11.95
N GLU A 323 -23.24 3.79 -12.59
CA GLU A 323 -22.98 2.51 -11.92
C GLU A 323 -21.67 2.57 -11.15
N ALA A 324 -21.69 2.09 -9.91
CA ALA A 324 -20.47 2.03 -9.11
C ALA A 324 -19.48 1.05 -9.75
N SER A 325 -18.19 1.32 -9.54
CA SER A 325 -17.16 0.53 -10.19
C SER A 325 -15.96 0.44 -9.28
N VAL A 326 -15.10 -0.53 -9.57
CA VAL A 326 -13.75 -0.57 -9.00
C VAL A 326 -12.80 -0.03 -10.06
N VAL A 327 -11.72 0.62 -9.60
CA VAL A 327 -10.79 1.26 -10.52
C VAL A 327 -10.06 0.19 -11.33
N THR A 328 -10.14 0.30 -12.67
CA THR A 328 -9.42 -0.59 -13.57
C THR A 328 -8.78 0.12 -14.75
N VAL A 329 -9.18 1.34 -15.06
CA VAL A 329 -8.73 2.03 -16.26
C VAL A 329 -7.85 3.19 -15.82
N LEU A 330 -6.60 3.20 -16.32
CA LEU A 330 -5.57 4.10 -15.86
C LEU A 330 -5.12 4.99 -17.02
N GLY A 331 -4.95 6.27 -16.72
CA GLY A 331 -4.35 7.23 -17.65
C GLY A 331 -3.01 7.70 -17.13
N ILE A 332 -1.93 7.28 -17.80
CA ILE A 332 -0.56 7.42 -17.29
C ILE A 332 0.23 8.38 -18.18
N ARG A 333 0.84 9.38 -17.53
CA ARG A 333 1.90 10.21 -18.07
C ARG A 333 3.05 10.18 -17.08
N SER A 334 4.23 10.64 -17.51
CA SER A 334 5.36 10.62 -16.59
C SER A 334 5.14 11.52 -15.38
N ASP A 335 4.33 12.60 -15.53
CA ASP A 335 4.19 13.57 -14.46
C ASP A 335 2.84 13.51 -13.76
N TYR A 336 1.97 12.55 -14.07
CA TYR A 336 0.73 12.36 -13.33
C TYR A 336 0.09 11.05 -13.74
N TYR A 337 -0.58 10.41 -12.78
CA TYR A 337 -1.26 9.14 -13.00
C TYR A 337 -2.71 9.34 -12.58
N GLN A 338 -3.64 9.04 -13.49
CA GLN A 338 -5.04 9.43 -13.27
C GLN A 338 -5.97 8.23 -13.34
N VAL A 339 -7.01 8.27 -12.52
CA VAL A 339 -8.05 7.23 -12.49
C VAL A 339 -9.36 7.88 -12.09
N SER A 340 -10.44 7.11 -12.10
CA SER A 340 -11.69 7.57 -11.51
C SER A 340 -12.42 6.40 -10.89
N LEU A 341 -13.00 6.65 -9.72
CA LEU A 341 -13.88 5.73 -9.03
C LEU A 341 -15.31 6.27 -9.09
N SER A 342 -16.26 5.41 -9.38
CA SER A 342 -17.68 5.77 -9.25
C SER A 342 -18.25 5.07 -8.04
N SER A 343 -19.13 5.77 -7.32
CA SER A 343 -19.54 5.35 -5.98
C SER A 343 -21.01 5.69 -5.73
N LEU A 344 -21.67 4.81 -4.97
CA LEU A 344 -22.97 5.14 -4.41
C LEU A 344 -22.83 6.30 -3.41
N PRO A 345 -23.93 6.98 -3.09
CA PRO A 345 -23.89 7.98 -2.03
C PRO A 345 -23.68 7.33 -0.67
N PHE A 346 -23.39 8.16 0.33
CA PHE A 346 -23.31 7.65 1.70
C PHE A 346 -23.58 8.79 2.67
N SER A 347 -24.03 8.41 3.87
CA SER A 347 -24.20 9.35 4.97
C SER A 347 -23.12 9.20 6.03
N THR A 348 -22.36 8.12 6.01
CA THR A 348 -21.15 7.98 6.81
C THR A 348 -19.96 8.00 5.87
N PRO A 349 -19.01 8.91 6.02
CA PRO A 349 -17.91 8.98 5.05
C PRO A 349 -16.93 7.85 5.26
N PRO A 350 -16.44 7.25 4.17
CA PRO A 350 -15.29 6.35 4.28
C PRO A 350 -14.08 7.18 4.70
N PHE A 351 -13.54 6.88 5.88
CA PHE A 351 -12.46 7.68 6.44
C PHE A 351 -11.27 7.73 5.49
N SER A 352 -10.78 8.94 5.23
CA SER A 352 -9.62 9.31 4.43
C SER A 352 -9.89 9.29 2.92
N LEU A 353 -11.08 8.86 2.44
CA LEU A 353 -11.44 9.12 1.06
C LEU A 353 -11.37 10.61 0.77
N PHE A 354 -11.94 11.41 1.66
CA PHE A 354 -11.71 12.84 1.67
C PHE A 354 -10.78 13.20 2.82
N PRO A 355 -10.04 14.31 2.72
CA PRO A 355 -8.91 14.49 3.63
C PRO A 355 -9.30 14.86 5.04
N THR A 356 -10.55 15.28 5.25
CA THR A 356 -11.06 15.68 6.55
C THR A 356 -12.42 15.04 6.77
N THR A 357 -12.80 14.87 8.04
CA THR A 357 -14.13 14.39 8.36
C THR A 357 -15.20 15.43 8.07
N SER A 358 -14.84 16.70 7.93
CA SER A 358 -15.82 17.76 7.67
C SER A 358 -15.85 18.09 6.17
N TYR A 359 -16.29 17.11 5.41
CA TYR A 359 -16.41 17.20 3.96
C TYR A 359 -17.86 16.94 3.58
N PRO A 360 -18.40 17.66 2.58
CA PRO A 360 -19.81 17.47 2.22
C PRO A 360 -20.11 16.03 1.81
N LEU A 361 -21.27 15.54 2.23
CA LEU A 361 -21.69 14.18 1.93
C LEU A 361 -22.51 14.15 0.64
N PRO A 362 -22.23 13.20 -0.23
CA PRO A 362 -22.99 13.07 -1.48
C PRO A 362 -24.35 12.41 -1.24
N ASN A 363 -25.38 12.99 -1.87
CA ASN A 363 -26.75 12.49 -1.78
C ASN A 363 -27.15 11.65 -2.99
N SER A 364 -26.28 11.49 -3.98
CA SER A 364 -26.53 10.67 -5.15
C SER A 364 -25.20 10.10 -5.63
N THR A 365 -25.26 9.27 -6.67
CA THR A 365 -24.04 8.64 -7.19
C THR A 365 -23.08 9.71 -7.71
N PHE A 366 -21.79 9.43 -7.58
CA PHE A 366 -20.83 10.46 -7.96
C PHE A 366 -19.59 9.78 -8.52
N ALA A 367 -18.85 10.54 -9.30
CA ALA A 367 -17.58 10.10 -9.85
C ALA A 367 -16.48 10.87 -9.16
N HIS A 368 -15.55 10.13 -8.58
CA HIS A 368 -14.37 10.67 -7.92
C HIS A 368 -13.26 10.58 -8.98
N ILE A 369 -12.80 11.74 -9.45
CA ILE A 369 -11.88 11.82 -10.59
C ILE A 369 -10.55 12.33 -10.05
N VAL A 370 -9.47 11.58 -10.27
CA VAL A 370 -8.29 11.62 -9.41
C VAL A 370 -7.02 11.75 -10.23
N SER A 371 -6.05 12.50 -9.70
CA SER A 371 -4.69 12.55 -10.23
C SER A 371 -3.69 12.35 -9.10
N GLN A 372 -2.63 11.62 -9.39
CA GLN A 372 -1.57 11.30 -8.44
C GLN A 372 -0.26 11.95 -8.88
N VAL A 373 0.43 12.59 -7.94
CA VAL A 373 1.74 13.18 -8.21
C VAL A 373 2.80 12.09 -8.08
N PRO A 374 3.66 11.90 -9.08
CA PRO A 374 4.72 10.89 -8.98
C PRO A 374 5.84 11.31 -8.03
N GLY A 375 6.56 10.30 -7.54
CA GLY A 375 7.61 10.54 -6.58
C GLY A 375 7.15 10.12 -5.19
N PRO A 376 6.76 11.09 -4.36
CA PRO A 376 6.90 12.53 -4.61
C PRO A 376 8.30 12.96 -4.20
N LEU A 377 8.64 14.23 -4.41
CA LEU A 377 9.94 14.71 -3.98
C LEU A 377 9.90 15.24 -2.55
N SER A 378 8.75 15.71 -2.10
CA SER A 378 8.60 16.09 -0.70
C SER A 378 8.64 14.85 0.18
N HIS A 379 9.23 14.98 1.36
CA HIS A 379 9.26 13.87 2.30
C HIS A 379 9.25 14.40 3.72
N GLY A 380 8.88 13.49 4.63
CA GLY A 380 8.91 13.76 6.05
C GLY A 380 9.46 12.59 6.83
N SER A 381 8.83 12.24 7.96
CA SER A 381 9.45 11.28 8.86
C SER A 381 8.41 10.57 9.70
N VAL A 382 8.84 9.46 10.30
CA VAL A 382 8.13 8.75 11.34
C VAL A 382 8.93 8.89 12.63
N THR A 383 8.27 9.29 13.71
CA THR A 383 8.88 9.37 15.04
C THR A 383 7.97 8.67 16.04
N LEU A 384 8.57 8.26 17.16
CA LEU A 384 7.80 7.53 18.18
C LEU A 384 6.88 8.48 18.95
N ASN A 385 5.68 8.00 19.25
CA ASN A 385 4.78 8.66 20.18
C ASN A 385 4.91 8.11 21.59
N SER A 386 5.23 6.82 21.70
CA SER A 386 5.59 6.17 22.95
C SER A 386 6.91 5.45 22.73
N SER A 387 7.82 5.57 23.71
CA SER A 387 9.09 4.87 23.61
C SER A 387 9.02 3.42 24.06
N SER A 388 7.84 2.89 24.40
CA SER A 388 7.74 1.52 24.89
C SER A 388 6.61 0.69 24.28
N ASP A 389 5.52 1.32 23.82
CA ASP A 389 4.28 0.61 23.50
C ASP A 389 4.07 0.61 21.98
N VAL A 390 4.23 -0.56 21.34
CA VAL A 390 4.11 -0.60 19.88
C VAL A 390 2.67 -0.41 19.43
N ARG A 391 1.69 -0.62 20.30
CA ARG A 391 0.30 -0.41 19.92
C ARG A 391 -0.09 1.07 19.85
N ILE A 392 0.78 1.95 20.34
CA ILE A 392 0.57 3.38 20.23
C ILE A 392 1.17 3.85 18.90
N ALA A 393 0.33 4.38 18.03
CA ALA A 393 0.77 4.68 16.67
C ALA A 393 1.85 5.76 16.70
N PRO A 394 2.83 5.69 15.81
CA PRO A 394 3.85 6.73 15.77
C PRO A 394 3.31 8.00 15.13
N ASN A 395 4.05 9.09 15.32
CA ASN A 395 3.77 10.33 14.61
C ASN A 395 4.28 10.21 13.18
N ILE A 396 3.53 10.73 12.23
CA ILE A 396 3.96 10.69 10.84
C ILE A 396 3.63 12.02 10.18
N LYS A 397 4.59 12.54 9.42
CA LYS A 397 4.42 13.78 8.69
C LYS A 397 5.01 13.60 7.30
N PHE A 398 4.29 14.08 6.29
CA PHE A 398 4.69 13.87 4.91
C PHE A 398 5.17 15.14 4.22
N ASN A 399 4.85 16.32 4.76
CA ASN A 399 5.27 17.61 4.18
C ASN A 399 4.80 17.78 2.74
N TYR A 400 3.52 17.48 2.50
CA TYR A 400 2.94 17.61 1.17
C TYR A 400 3.30 18.93 0.52
N TYR A 401 3.79 18.85 -0.71
CA TYR A 401 4.04 20.03 -1.57
C TYR A 401 5.09 20.98 -0.99
N SER A 402 5.96 20.49 -0.09
CA SER A 402 7.09 21.30 0.33
C SER A 402 8.11 21.43 -0.79
N ASN A 403 8.12 20.50 -1.72
CA ASN A 403 8.97 20.56 -2.90
C ASN A 403 8.18 21.14 -4.06
N SER A 404 8.69 22.22 -4.66
CA SER A 404 7.93 22.90 -5.70
C SER A 404 7.74 22.06 -6.96
N THR A 405 8.59 21.08 -7.21
CA THR A 405 8.39 20.20 -8.37
C THR A 405 7.10 19.41 -8.23
N ASP A 406 6.80 18.96 -7.01
CA ASP A 406 5.54 18.28 -6.74
C ASP A 406 4.36 19.18 -7.06
N LEU A 407 4.42 20.43 -6.62
CA LEU A 407 3.32 21.36 -6.86
C LEU A 407 3.15 21.60 -8.35
N ALA A 408 4.26 21.83 -9.06
CA ALA A 408 4.21 21.99 -10.51
C ALA A 408 3.56 20.78 -11.18
N ASN A 409 3.88 19.57 -10.70
CA ASN A 409 3.33 18.38 -11.34
C ASN A 409 1.84 18.24 -11.05
N CYS A 410 1.40 18.64 -9.85
CA CYS A 410 -0.03 18.66 -9.58
C CYS A 410 -0.74 19.67 -10.48
N VAL A 411 -0.13 20.82 -10.73
CA VAL A 411 -0.74 21.78 -11.63
C VAL A 411 -1.00 21.14 -13.00
N SER A 412 0.01 20.44 -13.53
CA SER A 412 -0.15 19.79 -14.83
C SER A 412 -1.26 18.74 -14.77
N GLY A 413 -1.31 17.95 -13.70
CA GLY A 413 -2.36 16.95 -13.57
C GLY A 413 -3.75 17.56 -13.50
N MET A 414 -3.88 18.67 -12.75
CA MET A 414 -5.19 19.30 -12.62
C MET A 414 -5.66 19.89 -13.95
N LYS A 415 -4.74 20.45 -14.74
CA LYS A 415 -5.12 20.92 -16.07
C LYS A 415 -5.59 19.78 -16.96
N LYS A 416 -4.92 18.63 -16.86
CA LYS A 416 -5.35 17.45 -17.62
C LYS A 416 -6.72 16.97 -17.16
N LEU A 417 -7.00 17.07 -15.86
CA LEU A 417 -8.36 16.76 -15.39
C LEU A 417 -9.37 17.73 -15.98
N GLY A 418 -8.99 19.01 -16.11
CA GLY A 418 -9.83 19.95 -16.83
C GLY A 418 -10.11 19.49 -18.25
N ASP A 419 -9.06 19.08 -18.97
CA ASP A 419 -9.22 18.51 -20.31
C ASP A 419 -10.18 17.33 -20.29
N LEU A 420 -10.04 16.44 -19.30
CA LEU A 420 -10.91 15.28 -19.23
C LEU A 420 -12.38 15.68 -19.08
N LEU A 421 -12.66 16.66 -18.24
CA LEU A 421 -14.04 17.11 -18.06
C LEU A 421 -14.62 17.75 -19.31
N ARG A 422 -13.79 18.15 -20.26
CA ARG A 422 -14.26 18.78 -21.49
C ARG A 422 -14.45 17.81 -22.65
N THR A 423 -14.16 16.53 -22.46
CA THR A 423 -14.30 15.56 -23.53
C THR A 423 -15.76 15.27 -23.86
N LYS A 424 -16.01 14.87 -25.12
CA LYS A 424 -17.33 14.37 -25.47
C LYS A 424 -17.71 13.16 -24.63
N ALA A 425 -16.73 12.40 -24.16
CA ALA A 425 -17.02 11.22 -23.36
C ALA A 425 -17.73 11.58 -22.07
N LEU A 426 -17.33 12.68 -21.43
CA LEU A 426 -17.90 13.06 -20.15
C LEU A 426 -19.09 14.01 -20.30
N GLU A 427 -19.33 14.53 -21.50
CA GLU A 427 -20.44 15.44 -21.71
C GLU A 427 -21.79 14.90 -21.23
N PRO A 428 -22.15 13.62 -21.44
CA PRO A 428 -23.47 13.14 -20.99
C PRO A 428 -23.69 13.23 -19.49
N TYR A 429 -22.66 13.54 -18.71
CA TYR A 429 -22.75 13.53 -17.26
C TYR A 429 -22.81 14.93 -16.68
N LYS A 430 -22.95 15.95 -17.54
CA LYS A 430 -23.19 17.31 -17.10
C LYS A 430 -24.65 17.50 -16.70
N ALA A 431 -24.87 18.35 -15.71
CA ALA A 431 -26.21 18.72 -15.30
C ALA A 431 -26.83 19.72 -16.27
N ARG A 432 -26.02 20.60 -16.86
CA ARG A 432 -26.49 21.68 -17.73
C ARG A 432 -25.71 21.62 -19.03
N ASP A 433 -26.42 21.71 -20.16
CA ASP A 433 -25.83 21.61 -21.48
C ASP A 433 -25.20 22.95 -21.91
N VAL A 434 -24.32 23.49 -21.07
CA VAL A 434 -23.60 24.72 -21.37
C VAL A 434 -22.22 24.37 -21.89
N LEU A 435 -21.50 25.37 -22.41
CA LEU A 435 -20.24 25.07 -23.10
C LEU A 435 -19.14 24.69 -22.12
N GLY A 436 -19.15 25.25 -20.90
CA GLY A 436 -18.05 25.06 -19.97
C GLY A 436 -18.27 23.94 -18.98
N ILE A 437 -17.20 23.64 -18.22
CA ILE A 437 -17.29 22.59 -17.20
C ILE A 437 -18.06 23.04 -15.97
N ASP A 438 -18.47 24.31 -15.89
CA ASP A 438 -19.42 24.63 -14.83
C ASP A 438 -20.80 24.04 -15.08
N GLY A 439 -21.00 23.32 -16.20
CA GLY A 439 -22.21 22.56 -16.42
C GLY A 439 -22.32 21.29 -15.59
N PHE A 440 -21.20 20.79 -15.08
CA PHE A 440 -21.24 19.73 -14.09
C PHE A 440 -21.71 20.27 -12.74
N ASN A 441 -22.37 19.41 -11.97
CA ASN A 441 -22.56 19.65 -10.54
C ASN A 441 -21.42 18.95 -9.80
N TYR A 442 -20.82 19.66 -8.85
CA TYR A 442 -19.67 19.18 -8.09
C TYR A 442 -20.04 18.90 -6.65
N LEU A 443 -19.41 17.87 -6.08
CA LEU A 443 -19.34 17.69 -4.64
C LEU A 443 -17.98 18.20 -4.19
N GLY A 444 -17.98 19.17 -3.28
CA GLY A 444 -16.73 19.78 -2.83
C GLY A 444 -16.29 20.89 -3.77
N VAL A 445 -14.97 21.10 -3.84
CA VAL A 445 -14.39 22.24 -4.53
C VAL A 445 -14.20 21.88 -6.00
N PRO A 446 -14.75 22.65 -6.94
CA PRO A 446 -14.50 22.41 -8.36
C PRO A 446 -13.14 22.93 -8.79
N LEU A 447 -12.72 22.52 -9.99
CA LEU A 447 -11.52 23.10 -10.58
C LEU A 447 -11.72 24.60 -10.79
N PRO A 448 -10.68 25.41 -10.54
CA PRO A 448 -10.71 26.87 -10.75
C PRO A 448 -11.07 27.27 -12.18
N GLN A 451 -11.01 30.31 -14.09
CA GLN A 451 -9.63 30.77 -14.00
C GLN A 451 -8.69 29.84 -14.77
N THR A 452 -7.61 30.40 -15.31
CA THR A 452 -6.70 29.67 -16.19
C THR A 452 -5.25 29.68 -15.74
N ASP A 453 -4.82 30.66 -14.95
CA ASP A 453 -3.42 30.86 -14.59
C ASP A 453 -2.97 29.89 -13.50
N ASP A 454 -1.65 29.76 -13.37
CA ASP A 454 -1.10 28.71 -12.53
C ASP A 454 -1.39 28.93 -11.05
N ALA A 455 -1.52 30.19 -10.62
CA ALA A 455 -1.67 30.49 -9.20
C ALA A 455 -2.95 29.89 -8.62
N SER A 456 -4.02 29.86 -9.41
CA SER A 456 -5.26 29.28 -8.90
C SER A 456 -5.17 27.76 -8.81
N PHE A 457 -4.46 27.13 -9.76
CA PHE A 457 -4.26 25.68 -9.70
C PHE A 457 -3.33 25.31 -8.55
N GLU A 458 -2.34 26.16 -8.26
CA GLU A 458 -1.47 25.90 -7.11
C GLU A 458 -2.26 25.94 -5.82
N THR A 459 -3.13 26.94 -5.67
CA THR A 459 -3.99 27.04 -4.49
C THR A 459 -4.90 25.83 -4.37
N PHE A 460 -5.51 25.41 -5.47
CA PHE A 460 -6.38 24.25 -5.44
C PHE A 460 -5.61 23.00 -5.02
N CYS A 461 -4.42 22.80 -5.59
CA CYS A 461 -3.58 21.65 -5.25
C CYS A 461 -3.25 21.64 -3.76
N LEU A 462 -2.87 22.80 -3.22
CA LEU A 462 -2.45 22.85 -1.81
C LEU A 462 -3.63 22.65 -0.87
N ASP A 463 -4.77 23.26 -1.17
CA ASP A 463 -5.87 23.27 -0.22
C ASP A 463 -6.64 21.96 -0.19
N ASN A 464 -6.65 21.21 -1.29
CA ASN A 464 -7.58 20.09 -1.40
C ASN A 464 -6.86 18.76 -1.53
N VAL A 465 -5.58 18.71 -1.17
CA VAL A 465 -4.81 17.47 -1.26
C VAL A 465 -5.35 16.43 -0.27
N ALA A 466 -5.29 15.16 -0.69
CA ALA A 466 -5.58 14.01 0.14
C ALA A 466 -4.47 12.99 -0.01
N SER A 467 -4.53 11.92 0.77
CA SER A 467 -3.53 10.87 0.61
C SER A 467 -3.94 9.95 -0.52
N TYR A 468 -2.97 9.58 -1.37
CA TYR A 468 -3.26 8.51 -2.32
C TYR A 468 -3.21 7.14 -1.67
N TRP A 469 -2.76 7.06 -0.42
CA TRP A 469 -2.62 5.85 0.37
C TRP A 469 -1.40 5.04 -0.05
N HIS A 470 -0.58 5.54 -0.98
CA HIS A 470 0.59 4.81 -1.47
C HIS A 470 1.86 5.29 -0.82
N TYR A 471 1.85 5.48 0.50
CA TYR A 471 3.01 6.03 1.18
C TYR A 471 4.10 4.97 1.27
N HIS A 472 5.34 5.43 1.36
CA HIS A 472 6.50 4.55 1.29
C HIS A 472 7.68 5.26 1.93
N GLY A 473 8.74 4.48 2.21
CA GLY A 473 9.95 5.02 2.79
C GLY A 473 10.06 4.79 4.29
N GLY A 474 11.14 5.35 4.86
CA GLY A 474 11.43 5.23 6.28
C GLY A 474 12.50 4.21 6.63
N SER A 475 12.81 3.27 5.71
CA SER A 475 13.90 2.32 5.90
C SER A 475 14.55 2.04 4.54
N LEU A 476 15.06 3.10 3.91
CA LEU A 476 15.40 3.05 2.50
C LEU A 476 16.60 2.16 2.20
N VAL A 477 16.51 1.42 1.09
CA VAL A 477 17.72 0.90 0.46
C VAL A 477 18.63 2.08 0.14
N GLY A 478 19.91 1.94 0.50
CA GLY A 478 20.87 3.01 0.32
C GLY A 478 21.01 3.94 1.51
N LYS A 479 20.12 3.85 2.50
CA LYS A 479 20.20 4.65 3.71
C LYS A 479 20.24 3.77 4.95
N VAL A 480 19.28 2.85 5.07
CA VAL A 480 19.19 1.93 6.20
C VAL A 480 19.62 0.55 5.73
N LEU A 481 19.30 0.21 4.48
CA LEU A 481 19.54 -1.14 3.96
C LEU A 481 20.54 -1.12 2.82
N ASP A 482 21.21 -2.27 2.63
CA ASP A 482 22.02 -2.49 1.44
C ASP A 482 21.16 -3.04 0.31
N ASP A 483 21.79 -3.34 -0.83
CA ASP A 483 21.05 -3.77 -2.02
C ASP A 483 20.46 -5.17 -1.88
N SER A 484 20.77 -5.89 -0.79
CA SER A 484 20.13 -7.15 -0.47
C SER A 484 19.05 -7.00 0.58
N PHE A 485 18.67 -5.77 0.92
CA PHE A 485 17.64 -5.44 1.90
C PHE A 485 18.07 -5.79 3.33
N ARG A 486 19.37 -5.96 3.56
CA ARG A 486 19.90 -6.17 4.90
C ARG A 486 20.06 -4.84 5.62
N VAL A 487 19.70 -4.82 6.91
CA VAL A 487 19.96 -3.63 7.73
C VAL A 487 21.47 -3.51 7.91
N MET A 488 22.02 -2.36 7.52
CA MET A 488 23.46 -2.21 7.51
C MET A 488 24.01 -2.23 8.94
N GLY A 489 25.06 -3.02 9.15
CA GLY A 489 25.67 -3.15 10.46
C GLY A 489 25.15 -4.28 11.30
N ILE A 490 24.08 -4.94 10.89
CA ILE A 490 23.43 -5.97 11.70
C ILE A 490 23.32 -7.23 10.86
N LYS A 491 23.82 -8.34 11.39
CA LYS A 491 23.61 -9.64 10.74
C LYS A 491 22.22 -10.16 11.05
N ALA A 492 21.70 -10.96 10.11
CA ALA A 492 20.46 -11.71 10.27
C ALA A 492 19.24 -10.81 10.45
N LEU A 493 19.27 -9.63 9.84
CA LEU A 493 18.15 -8.70 9.91
C LEU A 493 17.94 -8.06 8.54
N ARG A 494 16.73 -8.20 8.00
CA ARG A 494 16.37 -7.58 6.74
C ARG A 494 15.04 -6.87 6.90
N VAL A 495 14.72 -6.02 5.92
CA VAL A 495 13.45 -5.31 5.83
C VAL A 495 12.93 -5.48 4.42
N VAL A 496 11.70 -5.96 4.28
CA VAL A 496 11.07 -6.11 2.96
C VAL A 496 9.61 -5.65 3.06
N ASP A 497 9.31 -4.47 2.51
CA ASP A 497 7.96 -3.89 2.43
C ASP A 497 8.09 -2.52 1.78
N ALA A 498 7.05 -1.70 1.86
CA ALA A 498 7.09 -0.40 1.19
C ALA A 498 7.96 0.63 1.92
N SER A 499 8.55 0.30 3.06
CA SER A 499 9.47 1.25 3.69
C SER A 499 10.80 1.38 2.95
N THR A 500 11.02 0.58 1.89
CA THR A 500 12.35 0.37 1.33
C THR A 500 12.69 1.28 0.15
N PHE A 501 11.72 1.95 -0.47
CA PHE A 501 12.07 2.75 -1.64
C PHE A 501 11.55 4.16 -1.51
N PRO A 502 12.26 5.15 -2.07
CA PRO A 502 11.86 6.55 -1.91
C PRO A 502 10.96 7.08 -3.02
N TYR A 503 10.76 6.32 -4.09
CA TYR A 503 9.83 6.69 -5.14
C TYR A 503 8.94 5.49 -5.43
N GLU A 504 7.80 5.77 -6.06
CA GLU A 504 6.90 4.70 -6.43
C GLU A 504 7.50 3.82 -7.53
N PRO A 505 7.13 2.54 -7.57
CA PRO A 505 7.49 1.72 -8.74
C PRO A 505 6.54 1.92 -9.91
N ASN A 506 5.40 2.59 -9.69
CA ASN A 506 4.33 2.71 -10.66
C ASN A 506 3.16 3.45 -9.99
N SER A 507 2.00 3.50 -10.66
CA SER A 507 0.88 4.22 -10.08
C SER A 507 0.22 3.46 -8.93
N HIS A 508 0.35 2.14 -8.90
CA HIS A 508 -0.36 1.31 -7.94
C HIS A 508 0.62 0.21 -7.54
N PRO A 509 1.23 0.34 -6.35
CA PRO A 509 2.43 -0.43 -6.03
C PRO A 509 2.20 -1.80 -5.41
N GLN A 510 0.96 -2.22 -5.14
CA GLN A 510 0.79 -3.52 -4.46
C GLN A 510 1.42 -4.64 -5.28
N GLY A 511 1.31 -4.57 -6.61
CA GLY A 511 1.91 -5.61 -7.45
C GLY A 511 3.41 -5.72 -7.25
N PHE A 512 4.09 -4.58 -7.16
CA PHE A 512 5.54 -4.61 -6.94
C PHE A 512 5.88 -5.20 -5.56
N TYR A 513 5.13 -4.82 -4.52
CA TYR A 513 5.52 -5.28 -3.19
C TYR A 513 5.10 -6.73 -2.94
N LEU A 514 4.03 -7.22 -3.58
CA LEU A 514 3.74 -8.65 -3.59
C LEU A 514 4.89 -9.42 -4.22
N MET A 515 5.32 -9.00 -5.41
CA MET A 515 6.48 -9.59 -6.07
C MET A 515 7.71 -9.53 -5.18
N LEU A 516 7.95 -8.37 -4.55
CA LEU A 516 9.19 -8.18 -3.81
C LEU A 516 9.31 -9.15 -2.64
N GLY A 517 8.18 -9.45 -1.99
CA GLY A 517 8.22 -10.40 -0.89
C GLY A 517 8.79 -11.75 -1.30
N ARG A 518 8.27 -12.31 -2.39
CA ARG A 518 8.78 -13.60 -2.83
C ARG A 518 10.20 -13.47 -3.39
N TYR A 519 10.46 -12.42 -4.17
CA TYR A 519 11.78 -12.28 -4.81
C TYR A 519 12.89 -12.22 -3.77
N VAL A 520 12.71 -11.44 -2.70
CA VAL A 520 13.75 -11.37 -1.68
C VAL A 520 13.83 -12.70 -0.93
N GLY A 521 12.70 -13.37 -0.74
CA GLY A 521 12.74 -14.72 -0.20
C GLY A 521 13.60 -15.66 -1.02
N LEU A 522 13.45 -15.60 -2.35
CA LEU A 522 14.28 -16.42 -3.24
C LEU A 522 15.75 -16.01 -3.16
N GLN A 523 16.02 -14.71 -3.06
CA GLN A 523 17.39 -14.25 -2.89
C GLN A 523 18.00 -14.77 -1.60
N ILE A 524 17.22 -14.76 -0.51
CA ILE A 524 17.70 -15.30 0.76
C ILE A 524 18.04 -16.77 0.60
N LEU A 525 17.13 -17.55 0.02
CA LEU A 525 17.37 -18.98 -0.16
C LEU A 525 18.58 -19.23 -1.04
N GLN A 526 18.73 -18.48 -2.12
CA GLN A 526 19.91 -18.63 -2.97
C GLN A 526 21.18 -18.31 -2.18
N GLU A 527 21.14 -17.24 -1.37
CA GLU A 527 22.29 -16.92 -0.53
C GLU A 527 22.63 -18.07 0.40
N ARG A 528 21.62 -18.63 1.08
CA ARG A 528 21.82 -19.81 1.93
C ARG A 528 22.61 -20.88 1.20
N SER A 529 22.11 -21.32 0.05
CA SER A 529 22.63 -22.48 -0.67
C SER A 529 24.08 -22.31 -1.11
#